data_3R8H
#
_entry.id   3R8H
#
_cell.length_a   57.294
_cell.length_b   64.035
_cell.length_c   95.983
_cell.angle_alpha   90.00
_cell.angle_beta   90.00
_cell.angle_gamma   90.00
#
_symmetry.space_group_name_H-M   'P 21 21 21'
#
loop_
_entity.id
_entity.type
_entity.pdbx_description
1 polymer 'Aldo-keto reductase family 1 member C3'
2 non-polymer 'NADP NICOTINAMIDE-ADENINE-DINUCLEOTIDE PHOSPHATE'
3 non-polymer '[5-(4-chlorobenzoyl)-1,4-dimethyl-1H-pyrrol-2-yl]acetic acid'
4 non-polymer 1,2-ETHANEDIOL
5 water water
#
_entity_poly.entity_id   1
_entity_poly.type   'polypeptide(L)'
_entity_poly.pdbx_seq_one_letter_code
;MDSKHQCVKLNDGHFMPVLGFGTYAPPEVPRSKALEVTKLAIEAGFRHIDSAHLYNNEEQVGLAIRSKIADGSVKREDIF
YTSKLWSTFHRPELVRPALENSLKKAQLDYVDLYLIHSPMSLKPGEELSPTDENGKVIFDIVDLCTTWEAMEKCKDAGLA
KSIGVSNFNRRQLEMILNKPGLKYKPVCNQVECHPYFNRSKLLDFCKSKDIVLVAYSALGSQRDKRWVDPNSPVLLEDPV
LCALAKKHKRTPALIALRYQLQRGVVVLAKSYNEQRIRQNVQVFEFQLTAEDMKAIDGLDRNLHYFNSDSFASHPNYPYS
DEYLEHHHHHH
;
_entity_poly.pdbx_strand_id   A
#
loop_
_chem_comp.id
_chem_comp.type
_chem_comp.name
_chem_comp.formula
EDO non-polymer 1,2-ETHANEDIOL 'C2 H6 O2'
NAP non-polymer 'NADP NICOTINAMIDE-ADENINE-DINUCLEOTIDE PHOSPHATE' 'C21 H28 N7 O17 P3'
ZOM non-polymer '[5-(4-chlorobenzoyl)-1,4-dimethyl-1H-pyrrol-2-yl]acetic acid' 'C15 H14 Cl N O3'
#
# COMPACT_ATOMS: atom_id res chain seq x y z
N GLN A 6 12.66 -1.40 10.64
CA GLN A 6 11.92 -0.90 11.84
C GLN A 6 10.40 -0.64 11.56
N CYS A 7 9.73 0.02 12.51
CA CYS A 7 8.28 0.14 12.51
C CYS A 7 7.96 1.60 12.80
N VAL A 8 6.76 2.05 12.39
CA VAL A 8 6.28 3.37 12.77
C VAL A 8 5.10 3.10 13.76
N LYS A 9 4.95 3.96 14.77
CA LYS A 9 3.78 3.81 15.65
C LYS A 9 2.60 4.49 14.98
N LEU A 10 1.50 3.78 14.82
CA LEU A 10 0.32 4.38 14.20
C LEU A 10 -0.45 5.16 15.23
N ASN A 11 -1.39 6.00 14.77
CA ASN A 11 -2.14 6.83 15.65
C ASN A 11 -3.14 6.13 16.57
N ASP A 12 -3.34 4.81 16.39
CA ASP A 12 -4.13 3.99 17.34
C ASP A 12 -3.22 3.17 18.30
N GLY A 13 -1.90 3.46 18.29
CA GLY A 13 -0.92 2.77 19.20
C GLY A 13 -0.38 1.44 18.69
N HIS A 14 -0.88 0.93 17.56
CA HIS A 14 -0.30 -0.30 16.93
C HIS A 14 0.95 0.07 16.13
N PHE A 15 1.76 -0.90 15.69
CA PHE A 15 3.01 -0.58 15.00
C PHE A 15 2.99 -1.21 13.60
N MET A 16 3.49 -0.50 12.60
CA MET A 16 3.46 -0.98 11.21
C MET A 16 4.92 -1.05 10.72
N PRO A 17 5.41 -2.21 10.21
CA PRO A 17 6.78 -2.21 9.68
C PRO A 17 6.88 -1.23 8.51
N VAL A 18 7.99 -0.49 8.40
CA VAL A 18 8.08 0.57 7.37
C VAL A 18 8.37 0.05 5.97
N LEU A 19 8.82 -1.20 5.84
CA LEU A 19 8.92 -1.75 4.48
C LEU A 19 7.95 -2.87 4.34
N GLY A 20 7.15 -2.79 3.27
CA GLY A 20 6.12 -3.77 3.05
C GLY A 20 6.30 -4.54 1.76
N PHE A 21 5.87 -5.80 1.79
CA PHE A 21 5.88 -6.62 0.55
C PHE A 21 4.56 -6.52 -0.26
N GLY A 22 4.67 -6.15 -1.55
CA GLY A 22 3.47 -6.02 -2.47
C GLY A 22 3.20 -7.40 -3.06
N THR A 23 1.96 -7.90 -2.94
CA THR A 23 1.65 -9.25 -3.45
C THR A 23 0.87 -9.25 -4.77
N TYR A 24 0.50 -8.09 -5.31
CA TYR A 24 -0.32 -8.17 -6.51
C TYR A 24 0.53 -8.60 -7.69
N ALA A 25 -0.02 -9.52 -8.50
CA ALA A 25 0.55 -9.93 -9.77
C ALA A 25 -0.61 -10.12 -10.75
N PRO A 26 -0.39 -9.78 -12.04
CA PRO A 26 -1.50 -9.87 -12.97
C PRO A 26 -2.01 -11.33 -13.18
N PRO A 27 -3.20 -11.46 -13.79
CA PRO A 27 -3.81 -12.78 -13.87
C PRO A 27 -3.02 -13.79 -14.69
N GLU A 28 -2.06 -13.37 -15.49
CA GLU A 28 -1.23 -14.37 -16.20
C GLU A 28 -0.26 -15.14 -15.28
N VAL A 29 0.07 -14.61 -14.10
CA VAL A 29 0.94 -15.27 -13.16
C VAL A 29 0.12 -16.27 -12.33
N PRO A 30 0.49 -17.58 -12.36
CA PRO A 30 -0.21 -18.60 -11.56
C PRO A 30 -0.38 -18.16 -10.10
N ARG A 31 -1.56 -18.44 -9.56
CA ARG A 31 -1.94 -18.09 -8.19
C ARG A 31 -0.95 -18.67 -7.17
N SER A 32 -0.47 -19.87 -7.44
CA SER A 32 0.53 -20.51 -6.62
C SER A 32 1.89 -19.75 -6.52
N LYS A 33 2.20 -18.84 -7.46
CA LYS A 33 3.45 -18.07 -7.32
C LYS A 33 3.38 -17.22 -6.02
N ALA A 34 2.19 -16.72 -5.68
CA ALA A 34 2.03 -15.84 -4.48
C ALA A 34 2.52 -16.55 -3.21
N LEU A 35 2.20 -17.83 -3.10
CA LEU A 35 2.58 -18.65 -1.97
C LEU A 35 4.14 -18.67 -1.91
N GLU A 36 4.76 -19.04 -3.03
CA GLU A 36 6.20 -19.19 -3.02
C GLU A 36 6.92 -17.82 -2.70
N VAL A 37 6.48 -16.72 -3.33
CA VAL A 37 7.22 -15.49 -3.19
C VAL A 37 6.95 -14.85 -1.83
N THR A 38 5.75 -15.05 -1.29
CA THR A 38 5.48 -14.58 0.07
C THR A 38 6.32 -15.28 1.12
N LYS A 39 6.54 -16.58 0.97
CA LYS A 39 7.48 -17.23 1.89
C LYS A 39 8.91 -16.65 1.70
N LEU A 40 9.39 -16.49 0.45
CA LEU A 40 10.72 -15.87 0.21
C LEU A 40 10.82 -14.49 0.82
N ALA A 41 9.74 -13.71 0.70
CA ALA A 41 9.77 -12.35 1.31
C ALA A 41 10.00 -12.45 2.82
N ILE A 42 9.22 -13.30 3.47
CA ILE A 42 9.34 -13.40 4.91
C ILE A 42 10.77 -13.94 5.27
N GLU A 43 11.26 -14.90 4.53
CA GLU A 43 12.68 -15.37 4.68
C GLU A 43 13.70 -14.24 4.54
N ALA A 44 13.47 -13.31 3.62
CA ALA A 44 14.42 -12.20 3.39
C ALA A 44 14.33 -11.14 4.48
N GLY A 45 13.25 -11.12 5.26
CA GLY A 45 13.16 -10.14 6.36
C GLY A 45 11.92 -9.24 6.28
N PHE A 46 11.08 -9.42 5.24
CA PHE A 46 9.84 -8.61 5.21
C PHE A 46 8.90 -9.07 6.35
N ARG A 47 8.26 -8.14 7.01
CA ARG A 47 7.32 -8.46 8.09
C ARG A 47 5.94 -7.80 7.85
N HIS A 48 5.81 -7.03 6.79
CA HIS A 48 4.56 -6.31 6.43
C HIS A 48 4.26 -6.86 5.04
N ILE A 49 3.05 -7.36 4.88
CA ILE A 49 2.63 -8.09 3.69
C ILE A 49 1.32 -7.45 3.26
N ASP A 50 1.30 -6.91 2.04
CA ASP A 50 0.13 -6.13 1.56
C ASP A 50 -0.70 -6.97 0.57
N SER A 51 -1.96 -7.23 0.91
CA SER A 51 -2.83 -8.00 -0.02
C SER A 51 -4.19 -7.29 -0.13
N ALA A 52 -5.21 -7.99 -0.66
CA ALA A 52 -6.48 -7.35 -0.89
C ALA A 52 -7.41 -8.41 -1.43
N HIS A 53 -8.69 -8.19 -1.20
CA HIS A 53 -9.71 -9.09 -1.84
C HIS A 53 -9.48 -9.15 -3.36
N LEU A 54 -9.28 -7.98 -3.97
CA LEU A 54 -9.09 -7.94 -5.41
C LEU A 54 -7.99 -8.85 -6.01
N TYR A 55 -6.93 -9.13 -5.24
CA TYR A 55 -5.73 -9.70 -5.83
C TYR A 55 -5.93 -11.18 -6.06
N ASN A 56 -7.04 -11.72 -5.50
CA ASN A 56 -7.35 -13.15 -5.69
C ASN A 56 -6.16 -14.02 -5.28
N ASN A 57 -5.52 -13.69 -4.17
CA ASN A 57 -4.31 -14.42 -3.74
C ASN A 57 -4.31 -14.55 -2.22
N GLU A 58 -5.40 -14.16 -1.56
CA GLU A 58 -5.37 -14.18 -0.09
C GLU A 58 -5.19 -15.60 0.50
N GLU A 59 -5.75 -16.62 -0.19
CA GLU A 59 -5.49 -18.07 0.18
C GLU A 59 -3.98 -18.37 0.25
N GLN A 60 -3.28 -17.95 -0.80
CA GLN A 60 -1.86 -18.29 -0.95
CA GLN A 60 -1.86 -18.26 -0.98
C GLN A 60 -1.04 -17.43 -0.01
N VAL A 61 -1.37 -16.16 0.06
CA VAL A 61 -0.66 -15.27 0.98
C VAL A 61 -0.83 -15.73 2.44
N GLY A 62 -2.07 -16.01 2.84
CA GLY A 62 -2.33 -16.54 4.21
C GLY A 62 -1.63 -17.88 4.43
N LEU A 63 -1.60 -18.74 3.44
CA LEU A 63 -0.91 -20.01 3.64
C LEU A 63 0.59 -19.80 3.78
N ALA A 64 1.18 -18.89 3.00
CA ALA A 64 2.60 -18.58 3.18
C ALA A 64 2.87 -18.11 4.64
N ILE A 65 2.01 -17.23 5.15
CA ILE A 65 2.26 -16.70 6.50
C ILE A 65 2.10 -17.85 7.53
N ARG A 66 1.04 -18.61 7.40
CA ARG A 66 0.85 -19.81 8.26
C ARG A 66 1.96 -20.85 8.17
N SER A 67 2.47 -21.09 6.95
CA SER A 67 3.64 -21.95 6.80
C SER A 67 4.92 -21.43 7.53
N LYS A 68 5.14 -20.10 7.53
CA LYS A 68 6.29 -19.53 8.20
C LYS A 68 6.10 -19.46 9.72
N ILE A 69 4.85 -19.41 10.17
CA ILE A 69 4.55 -19.58 11.59
C ILE A 69 4.77 -21.03 12.00
N ALA A 70 4.22 -21.97 11.23
CA ALA A 70 4.33 -23.41 11.55
C ALA A 70 5.79 -23.89 11.60
N ASP A 71 6.66 -23.40 10.73
CA ASP A 71 8.04 -23.88 10.77
C ASP A 71 8.89 -23.09 11.79
N GLY A 72 8.26 -22.21 12.56
CA GLY A 72 8.95 -21.46 13.61
C GLY A 72 9.76 -20.24 13.22
N SER A 73 9.75 -19.82 11.95
CA SER A 73 10.45 -18.60 11.54
C SER A 73 9.93 -17.31 12.18
N VAL A 74 8.60 -17.18 12.38
CA VAL A 74 7.99 -15.97 12.91
C VAL A 74 6.76 -16.35 13.75
N LYS A 75 6.36 -15.44 14.61
CA LYS A 75 5.12 -15.60 15.31
C LYS A 75 4.08 -14.76 14.57
N ARG A 76 2.82 -15.09 14.74
CA ARG A 76 1.76 -14.23 14.17
C ARG A 76 1.93 -12.75 14.52
N GLU A 77 2.28 -12.44 15.76
CA GLU A 77 2.37 -11.09 16.15
C GLU A 77 3.60 -10.40 15.56
N ASP A 78 4.48 -11.15 14.88
CA ASP A 78 5.61 -10.60 14.10
C ASP A 78 5.24 -10.13 12.66
N ILE A 79 4.08 -10.57 12.16
CA ILE A 79 3.68 -10.28 10.81
C ILE A 79 2.61 -9.20 10.85
N PHE A 80 2.72 -8.24 9.95
CA PHE A 80 1.68 -7.18 9.78
C PHE A 80 1.01 -7.47 8.44
N TYR A 81 -0.25 -7.94 8.50
CA TYR A 81 -0.90 -8.38 7.25
C TYR A 81 -2.01 -7.39 6.94
N THR A 82 -2.04 -6.88 5.69
CA THR A 82 -3.06 -5.92 5.27
C THR A 82 -3.99 -6.55 4.27
N SER A 83 -5.29 -6.32 4.45
CA SER A 83 -6.20 -6.60 3.34
C SER A 83 -7.03 -5.35 3.09
N LYS A 84 -7.85 -5.38 2.05
CA LYS A 84 -8.52 -4.18 1.55
C LYS A 84 -9.93 -4.57 1.11
N LEU A 85 -10.87 -3.72 1.50
CA LEU A 85 -12.28 -3.81 1.07
C LEU A 85 -12.43 -3.29 -0.38
N TRP A 86 -12.90 -4.13 -1.31
CA TRP A 86 -13.01 -3.74 -2.69
C TRP A 86 -14.25 -2.83 -2.83
N SER A 87 -14.26 -2.07 -3.91
CA SER A 87 -15.15 -0.90 -4.07
C SER A 87 -16.60 -1.27 -4.42
N THR A 88 -16.84 -2.55 -4.78
CA THR A 88 -18.27 -3.05 -4.85
C THR A 88 -18.86 -3.35 -3.45
N PHE A 89 -18.09 -3.16 -2.35
CA PHE A 89 -18.51 -3.50 -1.00
C PHE A 89 -18.52 -2.30 -0.06
N HIS A 90 -18.64 -1.09 -0.61
CA HIS A 90 -18.67 0.15 0.20
C HIS A 90 -19.96 0.30 1.02
N ARG A 91 -21.05 -0.27 0.54
CA ARG A 91 -22.33 -0.09 1.30
C ARG A 91 -22.09 -0.68 2.67
N PRO A 92 -22.50 0.06 3.75
CA PRO A 92 -21.95 -0.27 5.08
C PRO A 92 -22.24 -1.72 5.57
N GLU A 93 -23.40 -2.27 5.21
CA GLU A 93 -23.78 -3.62 5.58
C GLU A 93 -22.91 -4.73 4.94
N LEU A 94 -22.20 -4.38 3.87
CA LEU A 94 -21.30 -5.30 3.15
C LEU A 94 -19.85 -5.28 3.71
N VAL A 95 -19.50 -4.34 4.57
CA VAL A 95 -18.09 -4.18 4.96
C VAL A 95 -17.61 -5.35 5.85
N ARG A 96 -18.40 -5.67 6.88
CA ARG A 96 -17.87 -6.69 7.80
C ARG A 96 -17.92 -8.06 7.15
N PRO A 97 -18.99 -8.41 6.40
CA PRO A 97 -18.93 -9.67 5.66
C PRO A 97 -17.74 -9.76 4.73
N ALA A 98 -17.35 -8.64 4.08
CA ALA A 98 -16.20 -8.70 3.09
C ALA A 98 -14.91 -9.00 3.85
N LEU A 99 -14.79 -8.38 5.01
CA LEU A 99 -13.62 -8.61 5.84
C LEU A 99 -13.60 -10.04 6.37
N GLU A 100 -14.76 -10.53 6.86
CA GLU A 100 -14.79 -11.92 7.32
C GLU A 100 -14.41 -12.87 6.17
N ASN A 101 -14.90 -12.58 4.96
CA ASN A 101 -14.53 -13.44 3.81
C ASN A 101 -13.02 -13.45 3.53
N SER A 102 -12.39 -12.27 3.59
CA SER A 102 -10.92 -12.20 3.48
C SER A 102 -10.23 -13.02 4.58
N LEU A 103 -10.71 -12.92 5.82
CA LEU A 103 -10.13 -13.69 6.92
C LEU A 103 -10.22 -15.21 6.66
N LYS A 104 -11.38 -15.66 6.13
CA LYS A 104 -11.60 -17.08 5.88
C LYS A 104 -10.68 -17.52 4.75
N LYS A 105 -10.49 -16.67 3.74
CA LYS A 105 -9.62 -17.05 2.59
C LYS A 105 -8.20 -17.23 3.06
N ALA A 106 -7.75 -16.31 3.91
CA ALA A 106 -6.40 -16.31 4.44
C ALA A 106 -6.23 -17.26 5.60
N GLN A 107 -7.37 -17.68 6.16
CA GLN A 107 -7.41 -18.53 7.38
C GLN A 107 -6.72 -17.88 8.55
N LEU A 108 -6.99 -16.59 8.77
CA LEU A 108 -6.38 -15.86 9.87
C LEU A 108 -7.52 -15.39 10.77
N ASP A 109 -7.20 -15.17 12.03
CA ASP A 109 -8.19 -14.65 12.97
C ASP A 109 -8.43 -13.12 12.85
N TYR A 110 -7.42 -12.39 12.37
CA TYR A 110 -7.58 -10.95 12.23
C TYR A 110 -6.58 -10.47 11.20
N VAL A 111 -6.85 -9.29 10.66
CA VAL A 111 -5.83 -8.57 9.86
C VAL A 111 -5.23 -7.49 10.73
N ASP A 112 -3.98 -7.15 10.45
CA ASP A 112 -3.35 -6.07 11.18
C ASP A 112 -3.89 -4.72 10.68
N LEU A 113 -4.33 -4.73 9.40
CA LEU A 113 -4.80 -3.50 8.75
C LEU A 113 -5.85 -3.83 7.76
N TYR A 114 -6.95 -3.06 7.79
CA TYR A 114 -7.93 -3.20 6.77
C TYR A 114 -8.18 -1.81 6.18
N LEU A 115 -8.18 -1.74 4.84
CA LEU A 115 -8.25 -0.44 4.16
C LEU A 115 -9.47 -0.39 3.31
N ILE A 116 -10.07 0.77 3.19
CA ILE A 116 -10.94 1.02 2.04
C ILE A 116 -10.02 1.10 0.77
N HIS A 117 -10.18 0.20 -0.21
CA HIS A 117 -9.15 0.07 -1.27
C HIS A 117 -9.15 1.34 -2.12
N SER A 118 -10.34 1.91 -2.34
CA SER A 118 -10.35 3.14 -3.10
C SER A 118 -11.66 3.89 -2.82
N PRO A 119 -11.68 5.19 -3.06
CA PRO A 119 -12.93 5.91 -2.83
C PRO A 119 -13.93 5.79 -3.98
N MET A 120 -13.56 5.10 -5.04
CA MET A 120 -14.41 5.11 -6.24
C MET A 120 -15.43 3.99 -6.21
N SER A 121 -16.55 4.23 -5.55
CA SER A 121 -17.54 3.18 -5.36
C SER A 121 -18.05 2.58 -6.69
N LEU A 122 -18.22 1.25 -6.68
CA LEU A 122 -18.75 0.53 -7.85
C LEU A 122 -20.03 -0.22 -7.52
N LYS A 123 -20.89 -0.45 -8.52
CA LYS A 123 -22.18 -1.11 -8.30
C LYS A 123 -22.00 -2.46 -7.64
N PRO A 124 -22.74 -2.73 -6.53
CA PRO A 124 -22.62 -3.98 -5.73
C PRO A 124 -23.35 -5.15 -6.39
N ILE A 138 -19.57 0.44 -14.07
CA ILE A 138 -20.76 1.04 -13.46
C ILE A 138 -20.48 1.51 -12.02
N PHE A 139 -20.60 2.81 -11.85
CA PHE A 139 -20.25 3.48 -10.62
C PHE A 139 -21.42 3.38 -9.63
N ASP A 140 -21.17 3.67 -8.37
CA ASP A 140 -22.23 3.66 -7.39
C ASP A 140 -22.00 4.94 -6.60
N ILE A 141 -23.01 5.42 -5.87
CA ILE A 141 -22.82 6.60 -5.00
C ILE A 141 -23.08 6.14 -3.61
N VAL A 142 -22.07 6.21 -2.74
CA VAL A 142 -22.15 5.71 -1.38
C VAL A 142 -21.55 6.79 -0.50
N ASP A 143 -22.19 7.04 0.63
CA ASP A 143 -21.59 7.95 1.58
C ASP A 143 -20.45 7.18 2.29
N LEU A 144 -19.22 7.53 1.94
CA LEU A 144 -18.03 6.84 2.51
C LEU A 144 -17.89 7.09 4.01
N CYS A 145 -18.54 8.13 4.55
CA CYS A 145 -18.64 8.21 6.02
C CYS A 145 -19.35 6.98 6.63
N THR A 146 -20.34 6.43 5.94
CA THR A 146 -21.07 5.27 6.51
C THR A 146 -20.23 4.04 6.35
N THR A 147 -19.44 3.97 5.26
CA THR A 147 -18.49 2.86 5.06
C THR A 147 -17.48 2.91 6.18
N TRP A 148 -17.00 4.11 6.48
CA TRP A 148 -16.03 4.25 7.59
C TRP A 148 -16.59 3.79 8.96
N GLU A 149 -17.85 4.15 9.27
CA GLU A 149 -18.46 3.66 10.50
C GLU A 149 -18.45 2.16 10.54
N ALA A 150 -18.79 1.51 9.43
CA ALA A 150 -18.66 0.05 9.41
C ALA A 150 -17.23 -0.48 9.61
N MET A 151 -16.25 0.24 9.11
CA MET A 151 -14.83 -0.11 9.37
C MET A 151 -14.53 0.03 10.88
N GLU A 152 -14.96 1.12 11.47
CA GLU A 152 -14.76 1.30 12.89
C GLU A 152 -15.30 0.13 13.68
N LYS A 153 -16.51 -0.32 13.31
CA LYS A 153 -17.13 -1.49 13.98
C LYS A 153 -16.21 -2.77 13.83
N CYS A 154 -15.46 -2.89 12.72
CA CYS A 154 -14.61 -4.04 12.52
C CYS A 154 -13.40 -3.91 13.38
N LYS A 155 -12.92 -2.69 13.58
CA LYS A 155 -11.86 -2.56 14.60
C LYS A 155 -12.39 -2.93 16.04
N ASP A 156 -13.52 -2.38 16.42
CA ASP A 156 -14.08 -2.68 17.75
C ASP A 156 -14.32 -4.16 17.97
N ALA A 157 -14.74 -4.89 16.93
CA ALA A 157 -14.88 -6.38 17.00
C ALA A 157 -13.57 -7.18 17.04
N GLY A 158 -12.44 -6.52 16.71
CA GLY A 158 -11.14 -7.18 16.72
C GLY A 158 -10.88 -7.93 15.42
N LEU A 159 -11.69 -7.69 14.38
CA LEU A 159 -11.39 -8.30 13.07
C LEU A 159 -10.14 -7.66 12.44
N ALA A 160 -9.94 -6.38 12.72
CA ALA A 160 -8.84 -5.60 12.16
C ALA A 160 -8.24 -4.86 13.34
N LYS A 161 -6.95 -4.94 13.54
CA LYS A 161 -6.29 -4.18 14.63
C LYS A 161 -6.31 -2.72 14.31
N SER A 162 -6.07 -2.42 13.01
CA SER A 162 -6.11 -1.01 12.55
C SER A 162 -6.89 -0.87 11.29
N ILE A 163 -7.43 0.34 11.05
CA ILE A 163 -8.22 0.58 9.84
C ILE A 163 -7.66 1.85 9.16
N GLY A 164 -7.77 1.89 7.84
CA GLY A 164 -7.15 2.97 7.06
C GLY A 164 -7.85 3.10 5.71
N VAL A 165 -7.34 4.01 4.87
CA VAL A 165 -7.92 4.24 3.58
C VAL A 165 -6.84 4.11 2.54
N SER A 166 -7.23 4.08 1.26
CA SER A 166 -6.27 3.99 0.18
C SER A 166 -6.84 4.78 -0.98
N ASN A 167 -5.96 5.47 -1.69
CA ASN A 167 -6.30 6.28 -2.88
C ASN A 167 -7.20 7.43 -2.53
N PHE A 168 -7.11 7.92 -1.29
CA PHE A 168 -7.91 9.11 -0.94
C PHE A 168 -7.08 10.35 -1.19
N ASN A 169 -7.70 11.42 -1.72
CA ASN A 169 -7.02 12.71 -1.74
C ASN A 169 -7.27 13.47 -0.45
N ARG A 170 -6.70 14.66 -0.35
CA ARG A 170 -6.87 15.42 0.90
C ARG A 170 -8.35 15.72 1.20
N ARG A 171 -9.15 16.17 0.21
CA ARG A 171 -10.58 16.47 0.47
C ARG A 171 -11.32 15.24 1.00
N GLN A 172 -11.01 14.09 0.40
CA GLN A 172 -11.64 12.80 0.79
C GLN A 172 -11.26 12.36 2.22
N LEU A 173 -10.00 12.54 2.55
CA LEU A 173 -9.53 12.31 3.89
C LEU A 173 -10.18 13.26 4.93
N GLU A 174 -10.17 14.57 4.63
CA GLU A 174 -10.87 15.54 5.48
C GLU A 174 -12.32 15.18 5.72
N MET A 175 -13.00 14.66 4.70
CA MET A 175 -14.39 14.22 4.84
CA MET A 175 -14.42 14.27 4.88
C MET A 175 -14.54 13.25 6.01
N ILE A 176 -13.61 12.30 6.10
CA ILE A 176 -13.60 11.34 7.21
C ILE A 176 -13.19 11.99 8.53
N LEU A 177 -12.11 12.78 8.50
CA LEU A 177 -11.58 13.40 9.73
C LEU A 177 -12.63 14.33 10.35
N ASN A 178 -13.49 14.87 9.48
CA ASN A 178 -14.48 15.86 9.90
C ASN A 178 -15.86 15.27 10.21
N LYS A 179 -16.01 13.93 10.13
CA LYS A 179 -17.29 13.25 10.33
C LYS A 179 -17.79 13.44 11.77
N PRO A 180 -19.08 13.89 11.93
CA PRO A 180 -19.65 13.93 13.29
C PRO A 180 -19.52 12.56 14.01
N GLY A 181 -19.00 12.58 15.23
CA GLY A 181 -18.91 11.39 16.11
C GLY A 181 -17.86 10.35 15.65
N LEU A 182 -16.86 10.80 14.92
CA LEU A 182 -15.77 9.92 14.48
C LEU A 182 -15.18 9.19 15.67
N LYS A 183 -14.99 7.89 15.54
CA LYS A 183 -14.35 7.17 16.63
C LYS A 183 -12.85 6.88 16.44
N TYR A 184 -12.46 6.46 15.22
CA TYR A 184 -11.04 6.21 14.92
C TYR A 184 -10.65 6.93 13.67
N LYS A 185 -9.55 7.67 13.71
CA LYS A 185 -9.04 8.25 12.46
C LYS A 185 -8.46 7.12 11.62
N PRO A 186 -8.36 7.35 10.30
CA PRO A 186 -7.56 6.36 9.53
C PRO A 186 -6.13 6.35 10.05
N VAL A 187 -5.52 5.18 10.16
CA VAL A 187 -4.08 5.16 10.57
C VAL A 187 -3.17 5.52 9.36
N CYS A 188 -3.71 5.34 8.16
CA CYS A 188 -2.86 5.53 6.97
C CYS A 188 -3.70 5.86 5.76
N ASN A 189 -3.00 6.30 4.71
CA ASN A 189 -3.59 6.49 3.38
C ASN A 189 -2.57 5.93 2.43
N GLN A 190 -2.87 4.79 1.84
CA GLN A 190 -1.99 4.14 0.88
C GLN A 190 -2.30 4.67 -0.52
N VAL A 191 -1.28 5.27 -1.14
CA VAL A 191 -1.51 6.03 -2.40
C VAL A 191 -0.31 5.77 -3.31
N GLU A 192 -0.49 6.10 -4.57
CA GLU A 192 0.57 5.97 -5.55
C GLU A 192 1.59 7.05 -5.16
N CYS A 193 2.87 6.66 -5.06
CA CYS A 193 3.88 7.68 -4.56
C CYS A 193 5.24 7.22 -4.98
N HIS A 194 5.99 8.04 -5.80
CA HIS A 194 7.32 7.66 -6.21
C HIS A 194 7.92 9.00 -6.68
N PRO A 195 9.19 9.00 -7.16
CA PRO A 195 9.82 10.28 -7.50
C PRO A 195 9.14 11.02 -8.61
N TYR A 196 8.34 10.34 -9.46
CA TYR A 196 7.56 11.13 -10.51
C TYR A 196 6.29 11.74 -10.05
N PHE A 197 5.85 11.37 -8.85
CA PHE A 197 4.53 11.75 -8.35
C PHE A 197 4.67 11.63 -6.81
N ASN A 198 5.37 12.59 -6.17
CA ASN A 198 5.92 12.32 -4.83
C ASN A 198 4.95 12.71 -3.75
N ARG A 199 3.81 13.30 -4.16
CA ARG A 199 2.73 13.68 -3.21
C ARG A 199 3.15 14.52 -2.02
N SER A 200 4.11 15.46 -2.18
N SER A 200 4.10 15.45 -2.22
CA SER A 200 4.63 16.18 -0.97
CA SER A 200 4.68 16.19 -1.09
C SER A 200 3.54 16.88 -0.18
C SER A 200 3.68 17.01 -0.24
N LYS A 201 2.66 17.60 -0.87
CA LYS A 201 1.60 18.34 -0.17
C LYS A 201 0.65 17.41 0.58
N LEU A 202 0.24 16.30 -0.05
CA LEU A 202 -0.60 15.33 0.65
C LEU A 202 0.17 14.70 1.81
N LEU A 203 1.44 14.41 1.58
CA LEU A 203 2.31 13.89 2.64
C LEU A 203 2.34 14.86 3.84
N ASP A 204 2.52 16.14 3.56
CA ASP A 204 2.52 17.14 4.64
C ASP A 204 1.17 17.16 5.39
N PHE A 205 0.09 17.10 4.63
CA PHE A 205 -1.23 17.05 5.29
C PHE A 205 -1.37 15.82 6.17
N CYS A 206 -1.02 14.65 5.63
CA CYS A 206 -1.01 13.43 6.43
C CYS A 206 -0.15 13.53 7.70
N LYS A 207 1.09 14.02 7.59
CA LYS A 207 1.94 14.20 8.77
C LYS A 207 1.23 15.12 9.77
N SER A 208 0.61 16.20 9.30
CA SER A 208 -0.09 17.14 10.21
C SER A 208 -1.26 16.51 10.98
N LYS A 209 -1.79 15.38 10.49
CA LYS A 209 -2.84 14.68 11.18
C LYS A 209 -2.42 13.36 11.84
N ASP A 210 -1.11 13.04 11.83
CA ASP A 210 -0.56 11.77 12.35
C ASP A 210 -1.16 10.56 11.58
N ILE A 211 -1.29 10.73 10.26
CA ILE A 211 -1.78 9.64 9.42
C ILE A 211 -0.55 9.23 8.56
N VAL A 212 -0.24 7.96 8.49
CA VAL A 212 0.93 7.48 7.69
C VAL A 212 0.59 7.47 6.23
N LEU A 213 1.48 8.00 5.38
CA LEU A 213 1.35 7.78 3.96
CA LEU A 213 1.33 7.77 3.95
C LEU A 213 2.11 6.50 3.63
N VAL A 214 1.43 5.57 2.98
CA VAL A 214 2.02 4.32 2.52
C VAL A 214 2.12 4.38 0.98
N ALA A 215 3.33 4.25 0.42
CA ALA A 215 3.52 4.40 -1.03
C ALA A 215 3.39 3.09 -1.75
N TYR A 216 2.52 3.05 -2.77
CA TYR A 216 2.56 1.93 -3.72
C TYR A 216 3.04 2.45 -5.09
N SER A 217 3.40 1.51 -5.98
CA SER A 217 4.11 1.80 -7.23
C SER A 217 5.33 2.62 -6.92
N ALA A 218 5.96 2.35 -5.74
CA ALA A 218 7.17 3.08 -5.39
C ALA A 218 8.35 2.76 -6.33
N LEU A 219 8.27 1.61 -7.02
CA LEU A 219 9.31 1.28 -7.98
C LEU A 219 8.81 1.58 -9.43
N GLY A 220 7.72 2.33 -9.57
CA GLY A 220 7.30 2.75 -10.89
C GLY A 220 6.15 1.93 -11.46
N SER A 221 5.54 1.03 -10.64
CA SER A 221 4.37 0.25 -11.04
C SER A 221 4.81 -0.96 -11.85
N GLN A 222 3.89 -1.87 -12.12
CA GLN A 222 4.15 -3.02 -12.99
C GLN A 222 3.86 -2.69 -14.45
N ARG A 223 3.47 -1.43 -14.70
CA ARG A 223 3.21 -0.96 -16.07
C ARG A 223 2.21 -1.87 -16.76
N ASP A 224 1.13 -2.23 -16.03
CA ASP A 224 0.12 -3.15 -16.54
C ASP A 224 -0.53 -2.50 -17.78
N LYS A 225 -0.56 -3.21 -18.92
CA LYS A 225 -1.11 -2.61 -20.18
C LYS A 225 -2.61 -2.23 -20.09
N ARG A 226 -3.34 -2.78 -19.11
CA ARG A 226 -4.75 -2.41 -18.99
C ARG A 226 -4.96 -0.97 -18.50
N TRP A 227 -4.01 -0.38 -17.79
CA TRP A 227 -4.20 1.00 -17.27
C TRP A 227 -3.02 1.95 -17.24
N VAL A 228 -1.84 1.46 -17.65
CA VAL A 228 -0.61 2.31 -17.70
C VAL A 228 -0.19 2.50 -19.13
N ASP A 229 0.06 3.76 -19.46
CA ASP A 229 0.53 4.08 -20.81
C ASP A 229 1.98 3.59 -21.00
N PRO A 230 2.23 2.73 -22.02
CA PRO A 230 3.62 2.23 -22.21
C PRO A 230 4.60 3.35 -22.61
N ASN A 231 4.07 4.48 -23.07
CA ASN A 231 4.94 5.65 -23.41
C ASN A 231 5.47 6.34 -22.12
N SER A 232 4.89 6.00 -20.98
CA SER A 232 5.22 6.74 -19.74
C SER A 232 6.70 6.38 -19.40
N PRO A 233 7.44 7.31 -18.77
CA PRO A 233 8.86 7.03 -18.44
C PRO A 233 8.94 5.83 -17.47
N VAL A 234 9.95 4.98 -17.71
CA VAL A 234 10.22 3.86 -16.82
C VAL A 234 11.02 4.42 -15.61
N LEU A 235 10.39 4.41 -14.40
CA LEU A 235 11.03 5.04 -13.27
C LEU A 235 12.41 4.47 -13.03
N LEU A 236 12.58 3.14 -13.06
CA LEU A 236 13.90 2.60 -12.68
C LEU A 236 15.00 2.80 -13.75
N GLU A 237 14.68 3.43 -14.86
CA GLU A 237 15.69 3.76 -15.91
C GLU A 237 15.96 5.23 -15.80
N ASP A 238 15.47 5.87 -14.73
CA ASP A 238 15.67 7.33 -14.60
C ASP A 238 17.17 7.68 -14.43
N PRO A 239 17.67 8.68 -15.14
CA PRO A 239 19.16 8.88 -15.09
C PRO A 239 19.67 9.46 -13.78
N VAL A 240 18.81 10.22 -13.10
CA VAL A 240 19.18 10.70 -11.77
C VAL A 240 19.18 9.53 -10.75
N LEU A 241 18.18 8.63 -10.80
CA LEU A 241 18.25 7.46 -9.92
C LEU A 241 19.44 6.56 -10.28
N CYS A 242 19.77 6.45 -11.60
CA CYS A 242 20.89 5.63 -11.96
CA CYS A 242 20.93 5.65 -12.02
C CYS A 242 22.21 6.23 -11.44
N ALA A 243 22.35 7.55 -11.56
CA ALA A 243 23.52 8.25 -10.97
C ALA A 243 23.68 8.05 -9.46
N LEU A 244 22.58 8.21 -8.70
CA LEU A 244 22.59 7.96 -7.26
C LEU A 244 22.92 6.51 -6.92
N ALA A 245 22.39 5.57 -7.70
CA ALA A 245 22.68 4.16 -7.46
C ALA A 245 24.19 3.96 -7.66
N LYS A 246 24.78 4.63 -8.67
CA LYS A 246 26.23 4.45 -8.93
C LYS A 246 27.02 5.11 -7.82
N LYS A 247 26.58 6.31 -7.37
CA LYS A 247 27.29 6.98 -6.28
C LYS A 247 27.30 6.12 -5.00
N HIS A 248 26.15 5.49 -4.69
CA HIS A 248 26.05 4.67 -3.44
C HIS A 248 26.39 3.18 -3.60
N LYS A 249 26.74 2.81 -4.82
CA LYS A 249 26.90 1.41 -5.29
C LYS A 249 25.73 0.57 -4.80
N ARG A 250 24.51 1.00 -5.16
CA ARG A 250 23.32 0.24 -4.84
C ARG A 250 22.58 0.10 -6.16
N THR A 251 21.26 0.18 -6.18
CA THR A 251 20.53 -0.01 -7.42
C THR A 251 19.47 1.09 -7.48
N PRO A 252 18.97 1.42 -8.70
CA PRO A 252 17.90 2.43 -8.82
C PRO A 252 16.75 2.09 -7.90
N ALA A 253 16.36 0.80 -7.81
CA ALA A 253 15.19 0.42 -6.92
C ALA A 253 15.46 0.81 -5.47
N LEU A 254 16.66 0.46 -5.02
CA LEU A 254 16.99 0.75 -3.61
C LEU A 254 17.00 2.27 -3.33
N ILE A 255 17.46 3.06 -4.31
CA ILE A 255 17.38 4.54 -4.15
C ILE A 255 15.96 4.98 -4.02
N ALA A 256 15.08 4.45 -4.91
CA ALA A 256 13.66 4.86 -4.84
C ALA A 256 13.01 4.47 -3.50
N LEU A 257 13.36 3.30 -2.97
CA LEU A 257 12.79 2.87 -1.69
C LEU A 257 13.31 3.71 -0.54
N ARG A 258 14.62 3.93 -0.56
CA ARG A 258 15.29 4.67 0.49
C ARG A 258 14.76 6.11 0.58
N TYR A 259 14.55 6.74 -0.57
CA TYR A 259 13.91 8.05 -0.61
C TYR A 259 12.63 8.12 0.21
N GLN A 260 11.72 7.15 0.04
CA GLN A 260 10.48 7.15 0.82
C GLN A 260 10.75 7.04 2.32
N LEU A 261 11.60 6.12 2.72
CA LEU A 261 11.91 5.96 4.16
C LEU A 261 12.39 7.29 4.79
N GLN A 262 13.20 8.03 4.04
CA GLN A 262 13.82 9.26 4.59
C GLN A 262 12.84 10.43 4.60
N ARG A 263 11.76 10.31 3.86
CA ARG A 263 10.68 11.34 3.99
C ARG A 263 9.52 10.93 4.91
N GLY A 264 9.71 9.86 5.69
CA GLY A 264 8.69 9.44 6.62
C GLY A 264 7.53 8.70 5.96
N VAL A 265 7.75 8.09 4.80
CA VAL A 265 6.70 7.39 4.06
C VAL A 265 6.99 5.89 4.24
N VAL A 266 5.97 5.08 4.55
CA VAL A 266 6.12 3.63 4.58
C VAL A 266 6.04 3.14 3.16
N VAL A 267 6.91 2.20 2.78
CA VAL A 267 7.01 1.93 1.33
C VAL A 267 6.73 0.48 1.09
N LEU A 268 5.89 0.17 0.07
CA LEU A 268 5.73 -1.20 -0.37
C LEU A 268 6.71 -1.48 -1.52
N ALA A 269 7.00 -2.75 -1.76
CA ALA A 269 7.78 -3.16 -2.94
C ALA A 269 7.30 -4.51 -3.37
N LYS A 270 6.79 -4.59 -4.61
CA LYS A 270 6.36 -5.88 -5.11
C LYS A 270 7.54 -6.45 -5.84
N SER A 271 7.84 -7.75 -5.61
CA SER A 271 8.70 -8.44 -6.55
C SER A 271 8.36 -9.92 -6.50
N TYR A 272 8.28 -10.58 -7.67
CA TYR A 272 8.08 -12.03 -7.64
C TYR A 272 9.39 -12.74 -8.04
N ASN A 273 10.55 -12.08 -7.88
CA ASN A 273 11.86 -12.60 -8.31
C ASN A 273 12.69 -12.78 -7.07
N GLU A 274 13.23 -13.99 -6.86
CA GLU A 274 13.96 -14.24 -5.60
C GLU A 274 15.12 -13.26 -5.30
N GLN A 275 15.93 -12.93 -6.29
CA GLN A 275 17.05 -12.04 -6.10
C GLN A 275 16.58 -10.61 -5.76
N ARG A 276 15.60 -10.09 -6.51
CA ARG A 276 15.12 -8.72 -6.15
C ARG A 276 14.42 -8.63 -4.79
N ILE A 277 13.65 -9.66 -4.43
CA ILE A 277 13.06 -9.69 -3.07
C ILE A 277 14.16 -9.52 -2.01
N ARG A 278 15.24 -10.30 -2.13
CA ARG A 278 16.37 -10.22 -1.14
C ARG A 278 17.12 -8.89 -1.24
N GLN A 279 17.22 -8.35 -2.45
CA GLN A 279 17.86 -7.03 -2.62
C GLN A 279 17.08 -5.92 -1.87
N ASN A 280 15.75 -5.96 -1.95
CA ASN A 280 14.92 -4.84 -1.48
C ASN A 280 15.07 -4.58 0.01
N VAL A 281 15.37 -5.63 0.78
CA VAL A 281 15.59 -5.42 2.24
C VAL A 281 16.86 -4.64 2.59
N GLN A 282 17.75 -4.48 1.60
CA GLN A 282 18.96 -3.69 1.75
C GLN A 282 18.66 -2.21 1.92
N VAL A 283 17.38 -1.84 1.79
CA VAL A 283 17.05 -0.45 1.93
C VAL A 283 17.47 0.11 3.35
N PHE A 284 17.53 -0.78 4.32
CA PHE A 284 17.97 -0.41 5.67
C PHE A 284 19.48 -0.26 5.83
N GLU A 285 20.24 -0.57 4.78
CA GLU A 285 21.70 -0.65 4.91
C GLU A 285 22.47 0.64 4.56
N PHE A 286 21.81 1.68 4.03
CA PHE A 286 22.56 2.86 3.60
C PHE A 286 21.64 4.07 3.70
N GLN A 287 22.16 5.28 3.52
CA GLN A 287 21.26 6.39 3.57
C GLN A 287 21.65 7.37 2.48
N LEU A 288 20.73 8.25 2.15
CA LEU A 288 20.93 9.26 1.12
C LEU A 288 21.22 10.57 1.84
N THR A 289 22.00 11.44 1.21
CA THR A 289 22.27 12.77 1.78
C THR A 289 21.16 13.77 1.44
N ALA A 290 21.20 14.97 2.06
CA ALA A 290 20.21 16.02 1.78
C ALA A 290 20.28 16.34 0.28
N GLU A 291 21.50 16.48 -0.28
CA GLU A 291 21.63 16.74 -1.74
C GLU A 291 21.01 15.62 -2.59
N ASP A 292 21.24 14.36 -2.22
CA ASP A 292 20.63 13.25 -2.98
C ASP A 292 19.12 13.42 -2.93
N MET A 293 18.58 13.69 -1.73
CA MET A 293 17.14 13.79 -1.57
C MET A 293 16.58 14.97 -2.37
N LYS A 294 17.33 16.07 -2.42
CA LYS A 294 16.84 17.22 -3.23
C LYS A 294 16.82 16.88 -4.75
N ALA A 295 17.84 16.16 -5.17
CA ALA A 295 17.90 15.66 -6.57
C ALA A 295 16.71 14.80 -6.90
N ILE A 296 16.37 13.87 -6.01
CA ILE A 296 15.19 13.01 -6.26
C ILE A 296 13.89 13.86 -6.21
N ASP A 297 13.77 14.77 -5.23
CA ASP A 297 12.64 15.70 -5.19
C ASP A 297 12.50 16.48 -6.54
N GLY A 298 13.61 16.74 -7.22
CA GLY A 298 13.60 17.48 -8.51
C GLY A 298 12.95 16.65 -9.65
N LEU A 299 12.74 15.34 -9.48
CA LEU A 299 12.06 14.52 -10.52
C LEU A 299 10.54 14.67 -10.54
N ASP A 300 9.94 15.30 -9.52
CA ASP A 300 8.47 15.33 -9.36
C ASP A 300 7.89 15.93 -10.61
N ARG A 301 6.93 15.26 -11.20
CA ARG A 301 6.35 15.79 -12.46
C ARG A 301 4.88 15.40 -12.64
N ASN A 302 4.13 15.24 -11.54
CA ASN A 302 2.68 15.02 -11.59
C ASN A 302 2.39 13.84 -12.52
N LEU A 303 3.21 12.80 -12.49
CA LEU A 303 2.94 11.63 -13.27
C LEU A 303 2.39 10.44 -12.50
N HIS A 304 1.09 10.17 -12.57
CA HIS A 304 0.58 8.94 -12.04
C HIS A 304 0.47 7.87 -13.14
N TYR A 305 1.06 6.68 -12.87
CA TYR A 305 1.10 5.59 -13.85
C TYR A 305 -0.33 5.08 -14.12
N PHE A 306 -1.18 5.02 -13.07
CA PHE A 306 -2.61 4.79 -13.36
C PHE A 306 -3.19 5.94 -14.18
N ASN A 307 -3.64 5.67 -15.40
CA ASN A 307 -4.20 6.75 -16.22
C ASN A 307 -5.14 6.15 -17.28
N SER A 308 -6.34 5.76 -16.88
CA SER A 308 -7.24 5.02 -17.81
C SER A 308 -8.64 5.65 -17.78
N ASP A 309 -9.31 5.67 -18.93
CA ASP A 309 -10.69 6.09 -19.10
C ASP A 309 -11.55 5.28 -18.12
N SER A 310 -11.12 4.10 -17.73
CA SER A 310 -11.95 3.26 -16.83
C SER A 310 -12.41 4.00 -15.55
N PHE A 311 -11.53 4.84 -14.96
CA PHE A 311 -11.87 5.55 -13.71
C PHE A 311 -11.68 7.03 -13.74
N ALA A 312 -11.08 7.56 -14.79
CA ALA A 312 -10.69 8.93 -14.79
C ALA A 312 -11.91 9.84 -14.79
N SER A 313 -13.07 9.35 -15.14
CA SER A 313 -14.23 10.24 -15.02
C SER A 313 -15.21 9.79 -13.92
N HIS A 314 -14.70 8.94 -13.01
CA HIS A 314 -15.50 8.55 -11.82
C HIS A 314 -15.73 9.81 -10.97
N PRO A 315 -16.96 9.99 -10.41
CA PRO A 315 -17.24 11.17 -9.54
C PRO A 315 -16.27 11.35 -8.37
N ASN A 316 -15.68 10.25 -7.88
CA ASN A 316 -14.68 10.34 -6.83
C ASN A 316 -13.27 10.04 -7.19
N TYR A 317 -12.97 10.20 -8.47
CA TYR A 317 -11.59 10.05 -8.96
C TYR A 317 -10.69 10.91 -8.11
N PRO A 318 -9.64 10.33 -7.51
CA PRO A 318 -8.93 11.22 -6.62
C PRO A 318 -8.00 12.20 -7.28
N TYR A 319 -7.62 12.02 -8.54
CA TYR A 319 -6.64 12.94 -9.13
C TYR A 319 -7.35 14.17 -9.78
N SER A 320 -8.66 14.25 -9.64
CA SER A 320 -9.38 15.43 -10.16
C SER A 320 -9.03 16.65 -9.26
N ASP A 321 -8.59 16.35 -8.03
CA ASP A 321 -7.94 17.29 -7.13
C ASP A 321 -8.79 18.01 -6.07
PA NAP B . 6.09 -1.80 -7.56
O1A NAP B . 6.44 -2.02 -6.11
O2A NAP B . 6.15 -0.37 -8.05
O5B NAP B . 7.15 -2.69 -8.40
C5B NAP B . 7.22 -2.45 -9.83
C4B NAP B . 8.16 -3.58 -10.44
O4B NAP B . 9.41 -3.38 -9.77
C3B NAP B . 7.72 -4.96 -9.98
O3B NAP B . 6.84 -5.65 -10.87
C2B NAP B . 9.06 -5.73 -9.78
O2B NAP B . 9.26 -6.66 -10.89
C1B NAP B . 10.10 -4.63 -9.91
N9A NAP B . 11.20 -4.65 -8.88
C8A NAP B . 11.03 -4.97 -7.61
N7A NAP B . 12.20 -4.87 -6.97
C5A NAP B . 13.12 -4.51 -7.91
C6A NAP B . 14.50 -4.33 -7.88
N6A NAP B . 15.20 -4.39 -6.68
N1A NAP B . 15.10 -4.00 -9.07
C2A NAP B . 14.47 -3.88 -10.24
N3A NAP B . 13.12 -4.10 -10.33
C4A NAP B . 12.47 -4.42 -9.14
O3 NAP B . 4.64 -2.54 -8.03
PN NAP B . 3.16 -2.19 -7.63
O1N NAP B . 2.45 -3.46 -7.82
O2N NAP B . 2.70 -1.10 -8.48
O5D NAP B . 3.12 -1.59 -6.13
C5D NAP B . 3.44 -2.53 -5.05
C4D NAP B . 2.25 -3.09 -4.24
O4D NAP B . 1.50 -2.01 -3.78
C3D NAP B . 1.22 -3.97 -5.01
O3D NAP B . 1.78 -5.28 -5.25
C2D NAP B . 0.05 -3.93 -4.05
O2D NAP B . 0.40 -4.75 -2.90
C1D NAP B . 0.13 -2.42 -3.65
N1N NAP B . -0.69 -1.56 -4.57
C2N NAP B . -1.85 -1.05 -4.00
C3N NAP B . -2.68 -0.28 -4.83
C7N NAP B . -3.94 0.29 -4.22
O7N NAP B . -4.86 0.69 -4.95
N7N NAP B . -3.92 0.47 -2.86
C4N NAP B . -2.36 -0.04 -6.19
C5N NAP B . -1.18 -0.55 -6.73
C6N NAP B . -0.33 -1.31 -5.97
P2B NAP B . 9.65 -8.22 -10.49
O1X NAP B . 8.44 -8.85 -9.84
O2X NAP B . 10.04 -8.89 -11.83
O3X NAP B . 10.90 -8.21 -9.55
CL ZOM C . -6.83 6.88 -9.40
N1 ZOM C . -5.60 -1.16 -8.20
C2 ZOM C . -4.31 -1.76 -8.60
C3 ZOM C . -3.59 -0.76 -9.22
C4 ZOM C . -4.39 0.34 -9.34
C5 ZOM C . -5.64 0.14 -8.75
C6 ZOM C . -6.90 1.01 -8.61
O6 ZOM C . -8.01 0.45 -8.53
C7 ZOM C . -3.97 -3.20 -8.24
C8 ZOM C . -3.36 -3.16 -6.81
C9 ZOM C . -6.80 -1.84 -7.58
OH ZOM C . -2.21 -3.67 -6.75
C10 ZOM C . -3.95 1.70 -9.95
C1B ZOM C . -6.85 2.47 -8.80
C2B ZOM C . -7.62 2.96 -9.86
C3B ZOM C . -7.54 4.38 -9.99
C4B ZOM C . -6.83 5.18 -9.13
C5B ZOM C . -6.05 4.68 -8.07
C6B ZOM C . -6.10 3.28 -7.91
OXT ZOM C . -4.09 -2.76 -5.79
C1 EDO D . 10.47 -5.17 7.16
O1 EDO D . 9.05 -5.42 6.88
C2 EDO D . 10.72 -4.20 8.33
O2 EDO D . 10.18 -2.83 8.13
C1 EDO E . -12.35 0.96 -8.35
O1 EDO E . -12.84 1.61 -7.15
C2 EDO E . -11.10 1.66 -8.93
O2 EDO E . -10.16 2.09 -7.96
#